data_7Z0Y
#
_entry.id   7Z0Y
#
_cell.length_a   126.157
_cell.length_b   126.157
_cell.length_c   167.454
_cell.angle_alpha   90.000
_cell.angle_beta   90.000
_cell.angle_gamma   90.000
#
_symmetry.space_group_name_H-M   'P 43 21 2'
#
loop_
_entity.id
_entity.type
_entity.pdbx_description
1 polymer 'THSC20.HVTR04 Fab heavy chain'
2 polymer 'THSC20.HVTR04 Fab light chain'
3 polymer 'Spike protein S1'
4 branched 2-acetamido-2-deoxy-beta-D-glucopyranose-(1-4)-[alpha-L-fucopyranose-(1-6)]2-acetamido-2-deoxy-beta-D-glucopyranose
5 non-polymer 'SULFATE ION'
6 water water
#
loop_
_entity_poly.entity_id
_entity_poly.type
_entity_poly.pdbx_seq_one_letter_code
_entity_poly.pdbx_strand_id
1 'polypeptide(L)'
;(PCA)VQLVESGGGVVQPGRSLRLSCAASGFTFSNYAIHWVRQAPGKGLEWVAVVSYDGSNKYYAESVKGRFTISRDNSK
NTLSLQMISLRPEDTAVYYCASVADTAMVPEWYFDLWGQGTMVTVSSASTKGPSVFPLAPSSKSTSGGTAALGCLVKDYF
PEPVTVSWNSGALTSGVHTFPAVLQSSGLYSLSSVVTVPSSSLGTQTYICNVNHKPSNTKVDKKVEPKSCGLEVLFQ
;
H
2 'polypeptide(L)'
;(PCA)SVLTQPRSVSGSPGQSVTISCTGTSSDVGAYNYVSWYQQHPGKAPKLMIYDVSARPSGVPDRFSGSKSGNTASLT
ISGLQAEDEADYYCCSYAGSWVFGGGTKLTVLGQPKAAPSVTLFPPSSEELQANKATLVCLISDFYPGAVTVAWKADSSP
VKAGVETTTPSKQSNNKYAASSYLSLTPEQWKSHRSYSCQVTHEGSTVEKTVAPTECS
;
L
3 'polypeptide(L)'
;QNITNLCPFGEVFNATRFASVYAWNRKRISNCVADYSVLYNSASFSTFKCYGVSPTKLNDLCFTNVYADSFVIRGDEVRQ
IAPGQTGKIADYNYKLPDDFTGCVIAWNSNNLDSKVGGNYNYLYRLFRKSNLKPFERDISTEIYQAGSTPCNGVEGFNCY
FPLQSYGFQPTNGVGYQPYRVVVLSFELLHAPATVCGPGLEVLFQ
;
R
#
# COMPACT_ATOMS: atom_id res chain seq x y z
N VAL A 2 -19.68 5.42 -0.48
CA VAL A 2 -18.58 5.96 0.38
C VAL A 2 -17.64 6.68 -0.58
N GLN A 3 -17.16 7.85 -0.19
CA GLN A 3 -16.32 8.65 -1.12
C GLN A 3 -15.36 9.54 -0.38
N LEU A 4 -14.12 9.61 -0.83
CA LEU A 4 -13.11 10.51 -0.32
C LEU A 4 -12.70 11.42 -1.47
N VAL A 5 -12.60 12.72 -1.19
CA VAL A 5 -12.32 13.72 -2.22
C VAL A 5 -11.18 14.60 -1.75
N GLU A 6 -10.09 14.60 -2.50
CA GLU A 6 -8.94 15.45 -2.18
C GLU A 6 -9.03 16.76 -2.94
N SER A 7 -8.41 17.79 -2.36
CA SER A 7 -8.45 19.12 -2.93
C SER A 7 -7.25 19.91 -2.42
N GLY A 8 -6.94 20.99 -3.12
CA GLY A 8 -5.86 21.87 -2.75
C GLY A 8 -4.57 21.64 -3.48
N GLY A 9 -4.57 20.86 -4.56
CA GLY A 9 -3.38 20.65 -5.33
C GLY A 9 -3.04 21.85 -6.19
N GLY A 10 -1.84 21.80 -6.75
CA GLY A 10 -1.38 22.88 -7.61
C GLY A 10 0.13 22.91 -7.68
N VAL A 11 0.63 23.97 -8.29
CA VAL A 11 2.06 24.17 -8.49
C VAL A 11 2.55 25.17 -7.45
N VAL A 12 3.60 24.80 -6.72
CA VAL A 12 4.23 25.68 -5.76
C VAL A 12 5.72 25.72 -6.06
N GLN A 13 6.34 26.79 -5.60
CA GLN A 13 7.78 26.90 -5.83
C GLN A 13 8.54 26.22 -4.69
N PRO A 14 9.67 25.60 -4.99
CA PRO A 14 10.46 24.97 -3.93
C PRO A 14 10.68 25.90 -2.75
N GLY A 15 10.31 25.42 -1.56
CA GLY A 15 10.50 26.16 -0.34
C GLY A 15 9.24 26.79 0.23
N ARG A 16 8.15 26.85 -0.53
CA ARG A 16 6.92 27.44 -0.06
C ARG A 16 6.05 26.37 0.60
N SER A 17 4.82 26.72 0.97
CA SER A 17 3.96 25.86 1.76
C SER A 17 2.62 25.69 1.06
N LEU A 18 2.01 24.52 1.26
CA LEU A 18 0.70 24.22 0.69
C LEU A 18 -0.11 23.46 1.73
N ARG A 19 -1.42 23.41 1.54
CA ARG A 19 -2.28 22.68 2.46
C ARG A 19 -3.32 21.90 1.67
N LEU A 20 -3.24 20.58 1.74
CA LEU A 20 -4.19 19.71 1.09
C LEU A 20 -5.31 19.35 2.05
N SER A 21 -6.48 19.05 1.49
CA SER A 21 -7.61 18.64 2.27
C SER A 21 -8.24 17.40 1.64
N CYS A 22 -8.91 16.62 2.48
CA CYS A 22 -9.60 15.40 2.04
C CYS A 22 -10.90 15.34 2.81
N ALA A 23 -12.01 15.45 2.09
CA ALA A 23 -13.35 15.42 2.66
C ALA A 23 -13.98 14.06 2.45
N ALA A 24 -14.73 13.60 3.45
CA ALA A 24 -15.23 12.24 3.50
C ALA A 24 -16.76 12.25 3.50
N SER A 25 -17.35 11.25 2.84
CA SER A 25 -18.80 11.10 2.85
C SER A 25 -19.16 9.63 2.74
N GLY A 26 -20.28 9.27 3.33
CA GLY A 26 -20.87 7.96 3.13
C GLY A 26 -20.65 6.97 4.25
N PHE A 27 -19.64 7.18 5.08
CA PHE A 27 -19.35 6.25 6.17
C PHE A 27 -19.13 7.02 7.47
N THR A 28 -18.71 6.29 8.51
CA THR A 28 -18.46 6.89 9.82
C THR A 28 -16.97 7.22 9.88
N PHE A 29 -16.62 8.38 9.33
CA PHE A 29 -15.24 8.84 9.27
C PHE A 29 -14.55 8.79 10.63
N SER A 30 -15.24 9.30 11.66
CA SER A 30 -14.65 9.46 12.98
C SER A 30 -14.27 8.13 13.62
N ASN A 31 -14.58 7.04 12.94
CA ASN A 31 -14.44 5.71 13.51
C ASN A 31 -13.17 4.99 13.06
N TYR A 32 -12.54 5.43 11.98
CA TYR A 32 -11.42 4.73 11.39
C TYR A 32 -10.25 5.69 11.20
N ALA A 33 -9.06 5.12 11.10
CA ALA A 33 -7.88 5.92 10.85
C ALA A 33 -7.78 6.19 9.37
N ILE A 34 -7.18 7.32 9.01
CA ILE A 34 -7.06 7.66 7.60
C ILE A 34 -5.64 8.15 7.30
N HIS A 35 -5.19 7.83 6.09
CA HIS A 35 -3.80 7.99 5.67
C HIS A 35 -3.70 8.92 4.47
N TRP A 36 -2.51 9.49 4.30
CA TRP A 36 -2.05 10.08 3.06
C TRP A 36 -0.97 9.18 2.47
N VAL A 37 -1.14 8.86 1.19
CA VAL A 37 -0.21 8.05 0.40
C VAL A 37 0.01 8.79 -0.91
N ARG A 38 1.26 8.94 -1.32
CA ARG A 38 1.57 9.70 -2.52
C ARG A 38 2.30 8.85 -3.56
N GLN A 39 2.32 9.37 -4.78
CA GLN A 39 2.95 8.69 -5.91
C GLN A 39 3.52 9.73 -6.87
N ALA A 40 4.85 9.78 -6.98
CA ALA A 40 5.47 10.67 -7.94
C ALA A 40 5.17 10.19 -9.37
N PRO A 41 5.11 11.11 -10.33
CA PRO A 41 4.69 10.71 -11.68
C PRO A 41 5.61 9.67 -12.27
N GLY A 42 5.02 8.56 -12.70
CA GLY A 42 5.75 7.50 -13.36
C GLY A 42 6.48 6.56 -12.44
N LYS A 43 6.23 6.64 -11.14
CA LYS A 43 7.00 5.88 -10.16
C LYS A 43 6.02 5.17 -9.23
N GLY A 44 6.52 4.71 -8.08
CA GLY A 44 5.77 3.85 -7.19
C GLY A 44 5.10 4.60 -6.05
N LEU A 45 4.41 3.82 -5.21
CA LEU A 45 3.67 4.37 -4.08
C LEU A 45 4.59 4.54 -2.88
N GLU A 46 4.25 5.50 -2.04
CA GLU A 46 5.01 5.82 -0.84
C GLU A 46 4.02 6.26 0.23
N TRP A 47 4.00 5.57 1.36
CA TRP A 47 3.15 5.98 2.47
C TRP A 47 3.72 7.24 3.09
N VAL A 48 2.84 8.20 3.38
CA VAL A 48 3.25 9.52 3.84
C VAL A 48 2.90 9.73 5.31
N ALA A 49 1.63 9.54 5.68
CA ALA A 49 1.29 9.78 7.07
C ALA A 49 -0.07 9.20 7.40
N VAL A 50 -0.33 8.99 8.69
CA VAL A 50 -1.62 8.46 9.14
C VAL A 50 -2.04 9.15 10.42
N VAL A 51 -3.36 9.29 10.58
CA VAL A 51 -3.95 9.80 11.80
C VAL A 51 -4.96 8.78 12.32
N SER A 52 -4.91 8.58 13.63
CA SER A 52 -5.78 7.63 14.30
C SER A 52 -7.22 8.09 14.22
N TYR A 53 -8.12 7.21 14.67
CA TYR A 53 -9.50 7.62 14.81
C TYR A 53 -9.63 8.73 15.84
N ASP A 54 -8.73 8.77 16.83
CA ASP A 54 -8.91 9.68 17.94
C ASP A 54 -8.40 11.08 17.65
N GLY A 55 -7.61 11.27 16.59
CA GLY A 55 -7.19 12.58 16.16
C GLY A 55 -5.97 13.13 16.85
N SER A 56 -5.43 12.46 17.87
CA SER A 56 -4.20 12.90 18.50
C SER A 56 -2.98 12.07 18.13
N ASN A 57 -3.15 10.78 17.85
CA ASN A 57 -2.03 9.90 17.54
C ASN A 57 -1.75 9.99 16.05
N LYS A 58 -0.60 10.53 15.69
CA LYS A 58 -0.22 10.82 14.31
C LYS A 58 1.16 10.24 14.04
N TYR A 59 1.33 9.57 12.90
CA TYR A 59 2.63 9.02 12.53
C TYR A 59 2.97 9.37 11.09
N TYR A 60 4.27 9.56 10.82
CA TYR A 60 4.75 10.00 9.52
C TYR A 60 5.88 9.10 9.05
N ALA A 61 6.31 9.35 7.82
CA ALA A 61 7.46 8.68 7.22
C ALA A 61 8.66 9.62 7.26
N GLU A 62 9.84 9.07 7.58
CA GLU A 62 11.00 9.92 7.82
C GLU A 62 11.21 10.94 6.71
N SER A 63 11.04 10.52 5.45
CA SER A 63 11.21 11.44 4.33
C SER A 63 10.39 12.71 4.51
N VAL A 64 9.39 12.67 5.38
CA VAL A 64 8.44 13.78 5.50
C VAL A 64 8.45 14.42 6.88
N LYS A 65 8.95 13.75 7.92
CA LYS A 65 8.85 14.31 9.27
C LYS A 65 9.47 15.70 9.30
N GLY A 66 8.94 16.55 10.18
CA GLY A 66 9.36 17.92 10.28
C GLY A 66 8.76 18.87 9.27
N ARG A 67 8.16 18.36 8.21
CA ARG A 67 7.62 19.24 7.16
C ARG A 67 6.12 19.10 6.96
N PHE A 68 5.56 17.89 7.07
CA PHE A 68 4.12 17.72 6.89
C PHE A 68 3.44 17.47 8.23
N THR A 69 2.24 18.00 8.36
CA THR A 69 1.44 17.92 9.58
C THR A 69 0.04 17.46 9.22
N ILE A 70 -0.41 16.40 9.86
CA ILE A 70 -1.68 15.77 9.54
C ILE A 70 -2.66 16.10 10.65
N SER A 71 -3.92 16.28 10.29
CA SER A 71 -4.93 16.61 11.28
C SER A 71 -6.29 16.16 10.76
N ARG A 72 -7.25 16.03 11.66
CA ARG A 72 -8.60 15.65 11.29
C ARG A 72 -9.62 16.35 12.17
N ASP A 73 -10.72 16.77 11.55
CA ASP A 73 -11.89 17.29 12.25
C ASP A 73 -12.98 16.24 12.13
N ASN A 74 -13.29 15.60 13.27
CA ASN A 74 -14.29 14.53 13.31
C ASN A 74 -15.71 15.05 13.37
N SER A 75 -15.90 16.35 13.55
CA SER A 75 -17.23 16.95 13.49
C SER A 75 -17.58 17.43 12.10
N LYS A 76 -16.61 17.98 11.36
CA LYS A 76 -16.80 18.29 9.95
C LYS A 76 -16.55 17.09 9.04
N ASN A 77 -15.95 16.00 9.57
CA ASN A 77 -15.58 14.83 8.77
C ASN A 77 -14.60 15.20 7.67
N THR A 78 -13.52 15.89 8.06
CA THR A 78 -12.49 16.26 7.10
C THR A 78 -11.12 15.92 7.68
N LEU A 79 -10.11 15.90 6.82
CA LEU A 79 -8.74 15.85 7.29
C LEU A 79 -7.88 16.74 6.41
N SER A 80 -6.77 17.20 6.97
CA SER A 80 -5.89 18.14 6.27
C SER A 80 -4.44 17.72 6.43
N LEU A 81 -3.63 18.11 5.44
CA LEU A 81 -2.19 17.90 5.45
C LEU A 81 -1.52 19.24 5.13
N GLN A 82 -0.85 19.81 6.13
CA GLN A 82 -0.11 21.06 5.97
C GLN A 82 1.34 20.73 5.64
N MET A 83 1.77 21.07 4.42
CA MET A 83 3.14 20.85 3.98
C MET A 83 3.87 22.18 3.94
N ILE A 84 5.16 22.15 4.32
CA ILE A 84 6.01 23.33 4.32
C ILE A 84 7.40 22.93 3.83
N SER A 85 8.19 23.94 3.48
CA SER A 85 9.54 23.74 2.93
C SER A 85 9.50 22.62 1.89
N LEU A 86 8.72 22.87 0.85
CA LEU A 86 8.43 21.84 -0.13
C LEU A 86 9.59 21.67 -1.10
N ARG A 87 10.03 20.44 -1.28
CA ARG A 87 11.14 20.14 -2.20
C ARG A 87 10.55 19.65 -3.51
N PRO A 88 11.34 19.56 -4.60
CA PRO A 88 10.86 19.00 -5.85
C PRO A 88 10.62 17.50 -5.75
N GLU A 89 11.27 16.82 -4.80
CA GLU A 89 11.14 15.35 -4.62
C GLU A 89 9.74 15.05 -4.07
N ASP A 90 9.03 16.05 -3.59
CA ASP A 90 7.66 15.88 -3.13
C ASP A 90 6.64 15.98 -4.25
N THR A 91 7.05 16.36 -5.46
CA THR A 91 6.12 16.40 -6.58
C THR A 91 5.47 15.03 -6.74
N ALA A 92 4.14 14.98 -6.63
CA ALA A 92 3.46 13.70 -6.66
C ALA A 92 1.95 13.91 -6.58
N VAL A 93 1.22 12.84 -6.84
CA VAL A 93 -0.20 12.78 -6.58
C VAL A 93 -0.40 12.32 -5.14
N TYR A 94 -1.26 13.02 -4.41
CA TYR A 94 -1.54 12.69 -3.02
C TYR A 94 -2.94 12.13 -2.92
N TYR A 95 -3.04 10.88 -2.50
CA TYR A 95 -4.30 10.21 -2.22
C TYR A 95 -4.51 10.19 -0.72
N CYS A 96 -5.76 10.33 -0.29
CA CYS A 96 -6.13 9.96 1.06
C CYS A 96 -6.83 8.61 0.99
N ALA A 97 -6.72 7.85 2.08
CA ALA A 97 -7.05 6.43 2.00
C ALA A 97 -7.43 5.90 3.38
N SER A 98 -8.53 5.15 3.44
CA SER A 98 -8.99 4.56 4.69
C SER A 98 -9.71 3.25 4.41
N VAL A 99 -10.65 2.89 5.30
CA VAL A 99 -11.54 1.75 5.09
C VAL A 99 -12.95 2.20 5.41
N ALA A 100 -13.91 1.40 4.94
CA ALA A 100 -15.31 1.72 5.08
C ALA A 100 -15.94 0.87 6.19
N ASP A 101 -17.15 1.27 6.59
CA ASP A 101 -17.84 0.56 7.66
C ASP A 101 -18.16 -0.87 7.25
N THR A 102 -18.71 -1.06 6.05
CA THR A 102 -19.07 -2.40 5.61
C THR A 102 -17.85 -3.31 5.51
N ALA A 103 -16.75 -2.79 4.98
CA ALA A 103 -15.57 -3.59 4.75
C ALA A 103 -15.17 -4.33 6.02
N MET A 104 -14.78 -5.59 5.87
CA MET A 104 -14.14 -6.34 6.94
C MET A 104 -12.62 -6.15 6.94
N VAL A 105 -12.13 -5.21 6.15
CA VAL A 105 -10.69 -4.94 6.08
C VAL A 105 -10.30 -4.00 7.22
N PRO A 106 -9.25 -4.32 7.98
CA PRO A 106 -8.81 -3.41 9.03
C PRO A 106 -8.20 -2.13 8.45
N GLU A 107 -8.10 -1.13 9.32
CA GLU A 107 -7.67 0.21 8.92
C GLU A 107 -6.19 0.29 8.59
N TRP A 108 -5.38 -0.73 8.91
CA TRP A 108 -3.98 -0.71 8.48
C TRP A 108 -3.81 -1.11 7.02
N TYR A 109 -4.90 -1.34 6.29
CA TYR A 109 -4.85 -1.58 4.85
C TYR A 109 -5.64 -0.50 4.13
N PHE A 110 -5.20 -0.18 2.90
CA PHE A 110 -5.77 0.93 2.13
C PHE A 110 -6.87 0.39 1.24
N ASP A 111 -8.09 0.30 1.78
CA ASP A 111 -9.20 -0.27 1.06
C ASP A 111 -9.97 0.77 0.24
N LEU A 112 -10.13 1.98 0.78
CA LEU A 112 -10.94 3.03 0.17
C LEU A 112 -10.02 4.18 -0.21
N TRP A 113 -10.05 4.57 -1.49
CA TRP A 113 -9.14 5.57 -2.01
C TRP A 113 -9.90 6.74 -2.63
N GLY A 114 -9.29 7.91 -2.56
CA GLY A 114 -9.76 9.05 -3.32
C GLY A 114 -9.24 9.02 -4.75
N GLN A 115 -9.57 10.06 -5.49
CA GLN A 115 -9.05 10.22 -6.84
C GLN A 115 -7.71 10.94 -6.86
N GLY A 116 -7.25 11.44 -5.72
CA GLY A 116 -5.96 12.08 -5.62
C GLY A 116 -6.02 13.54 -6.02
N THR A 117 -4.94 14.25 -5.68
CA THR A 117 -4.75 15.64 -6.12
C THR A 117 -3.26 15.86 -6.36
N MET A 118 -2.92 16.54 -7.46
CA MET A 118 -1.52 16.65 -7.83
C MET A 118 -0.86 17.88 -7.21
N VAL A 119 0.36 17.69 -6.73
CA VAL A 119 1.18 18.76 -6.18
C VAL A 119 2.48 18.76 -6.97
N THR A 120 2.77 19.88 -7.62
CA THR A 120 3.95 20.02 -8.45
C THR A 120 4.84 21.08 -7.81
N VAL A 121 6.00 20.67 -7.31
CA VAL A 121 6.98 21.57 -6.74
C VAL A 121 8.04 21.79 -7.81
N SER A 122 8.00 22.95 -8.48
CA SER A 122 8.91 23.22 -9.57
C SER A 122 9.28 24.69 -9.57
N SER A 123 10.59 24.96 -9.52
CA SER A 123 11.09 26.31 -9.77
C SER A 123 10.95 26.70 -11.24
N ALA A 124 10.89 25.71 -12.13
CA ALA A 124 11.12 25.95 -13.54
C ALA A 124 10.06 26.85 -14.15
N SER A 125 10.52 27.76 -15.02
CA SER A 125 9.67 28.64 -15.80
C SER A 125 10.04 28.48 -17.28
N THR A 126 9.20 29.05 -18.15
CA THR A 126 9.29 28.82 -19.58
C THR A 126 10.73 28.98 -20.09
N LYS A 127 11.27 27.92 -20.68
CA LYS A 127 12.55 27.96 -21.37
C LYS A 127 12.38 27.43 -22.78
N GLY A 128 12.98 28.13 -23.75
CA GLY A 128 12.99 27.66 -25.11
C GLY A 128 13.93 26.49 -25.28
N PRO A 129 13.67 25.64 -26.28
CA PRO A 129 14.54 24.48 -26.50
C PRO A 129 15.88 24.90 -27.06
N SER A 130 16.81 23.95 -27.05
CA SER A 130 18.09 24.08 -27.75
C SER A 130 18.28 22.82 -28.59
N VAL A 131 18.38 22.98 -29.90
CA VAL A 131 18.38 21.88 -30.85
C VAL A 131 19.80 21.60 -31.31
N PHE A 132 20.18 20.32 -31.29
CA PHE A 132 21.52 19.88 -31.66
C PHE A 132 21.42 18.76 -32.69
N PRO A 133 22.22 18.79 -33.75
CA PRO A 133 22.08 17.76 -34.80
C PRO A 133 22.78 16.46 -34.42
N LEU A 134 22.02 15.37 -34.40
CA LEU A 134 22.55 14.02 -34.26
C LEU A 134 22.90 13.54 -35.66
N ALA A 135 24.18 13.65 -36.01
CA ALA A 135 24.61 13.45 -37.38
C ALA A 135 24.64 11.96 -37.74
N PRO A 136 24.52 11.65 -39.03
CA PRO A 136 24.50 10.24 -39.44
C PRO A 136 25.88 9.61 -39.34
N SER A 137 25.89 8.30 -39.18
CA SER A 137 27.13 7.56 -39.12
C SER A 137 27.75 7.49 -40.52
N SER A 138 29.03 7.12 -40.56
CA SER A 138 29.76 7.02 -41.81
C SER A 138 30.72 5.84 -41.76
N GLY A 144 23.84 0.94 -47.64
CA GLY A 144 22.59 0.47 -47.10
C GLY A 144 21.66 1.55 -46.57
N THR A 145 21.73 1.79 -45.25
CA THR A 145 20.82 2.70 -44.59
C THR A 145 21.54 3.47 -43.49
N ALA A 146 21.00 4.64 -43.15
CA ALA A 146 21.57 5.51 -42.13
C ALA A 146 20.46 6.10 -41.28
N ALA A 147 20.84 6.58 -40.09
CA ALA A 147 19.92 7.19 -39.15
C ALA A 147 20.47 8.55 -38.75
N LEU A 148 19.64 9.58 -38.83
CA LEU A 148 20.04 10.93 -38.42
C LEU A 148 18.89 11.55 -37.66
N GLY A 149 19.15 12.66 -36.98
CA GLY A 149 18.08 13.29 -36.24
C GLY A 149 18.52 14.57 -35.59
N CYS A 150 17.70 15.03 -34.65
CA CYS A 150 18.12 16.10 -33.77
C CYS A 150 17.62 15.87 -32.36
N LEU A 151 18.29 16.56 -31.44
CA LEU A 151 18.04 16.49 -30.02
C LEU A 151 17.53 17.85 -29.60
N VAL A 152 16.24 17.92 -29.26
CA VAL A 152 15.67 19.10 -28.62
C VAL A 152 15.93 18.95 -27.13
N LYS A 153 16.63 19.91 -26.54
CA LYS A 153 17.13 19.75 -25.19
C LYS A 153 16.72 20.92 -24.31
N ASP A 154 16.32 20.61 -23.07
CA ASP A 154 16.10 21.57 -22.00
C ASP A 154 15.06 22.61 -22.41
N TYR A 155 13.80 22.16 -22.47
CA TYR A 155 12.68 23.01 -22.80
C TYR A 155 11.55 22.79 -21.81
N PHE A 156 10.81 23.87 -21.55
CA PHE A 156 9.66 23.86 -20.65
C PHE A 156 8.74 25.00 -21.09
N PRO A 157 7.42 24.81 -21.06
CA PRO A 157 6.73 23.56 -20.76
C PRO A 157 6.63 22.70 -22.00
N GLU A 158 5.76 21.70 -21.95
CA GLU A 158 5.35 20.99 -23.14
C GLU A 158 4.27 21.78 -23.86
N PRO A 159 4.01 21.48 -25.13
CA PRO A 159 4.73 20.54 -25.99
C PRO A 159 5.76 21.19 -26.87
N VAL A 160 6.54 20.37 -27.56
CA VAL A 160 7.41 20.79 -28.64
C VAL A 160 7.00 19.99 -29.87
N THR A 161 6.96 20.65 -31.02
CA THR A 161 6.61 20.00 -32.27
C THR A 161 7.83 19.97 -33.17
N VAL A 162 8.00 18.86 -33.90
CA VAL A 162 9.16 18.64 -34.74
C VAL A 162 8.71 18.12 -36.10
N SER A 163 9.22 18.74 -37.17
CA SER A 163 9.01 18.27 -38.53
C SER A 163 10.35 18.24 -39.25
N TRP A 164 10.33 17.70 -40.47
CA TRP A 164 11.54 17.51 -41.25
C TRP A 164 11.33 18.04 -42.66
N ASN A 165 12.30 18.81 -43.15
CA ASN A 165 12.21 19.39 -44.49
C ASN A 165 10.88 20.11 -44.69
N SER A 166 10.36 20.70 -43.60
CA SER A 166 9.19 21.57 -43.65
C SER A 166 7.94 20.81 -44.11
N GLY A 167 7.83 19.57 -43.66
CA GLY A 167 6.70 18.73 -44.02
C GLY A 167 6.92 17.85 -45.22
N ALA A 168 7.98 18.12 -46.00
CA ALA A 168 8.24 17.30 -47.18
C ALA A 168 8.63 15.88 -46.82
N LEU A 169 9.33 15.69 -45.70
CA LEU A 169 9.80 14.40 -45.26
C LEU A 169 8.92 13.89 -44.13
N THR A 170 8.31 12.72 -44.33
CA THR A 170 7.37 12.17 -43.36
C THR A 170 7.64 10.70 -43.11
N SER A 171 7.76 9.92 -44.18
CA SER A 171 8.07 8.51 -44.05
C SER A 171 9.39 8.33 -43.30
N GLY A 172 9.36 7.50 -42.26
CA GLY A 172 10.57 7.17 -41.52
C GLY A 172 10.90 8.07 -40.37
N VAL A 173 10.05 9.06 -40.06
CA VAL A 173 10.27 9.96 -38.95
C VAL A 173 9.64 9.36 -37.70
N HIS A 174 10.44 9.18 -36.66
CA HIS A 174 9.97 8.79 -35.34
C HIS A 174 10.45 9.86 -34.35
N THR A 175 9.51 10.57 -33.75
CA THR A 175 9.80 11.52 -32.69
C THR A 175 9.49 10.89 -31.35
N PHE A 176 10.47 10.88 -30.43
CA PHE A 176 10.24 10.10 -29.23
C PHE A 176 9.62 10.96 -28.13
N PRO A 177 8.76 10.37 -27.30
CA PRO A 177 8.29 11.11 -26.12
C PRO A 177 9.47 11.66 -25.35
N ALA A 178 9.23 12.75 -24.64
CA ALA A 178 10.30 13.44 -23.93
C ALA A 178 10.56 12.78 -22.58
N VAL A 179 11.69 13.15 -21.99
CA VAL A 179 12.04 12.74 -20.64
C VAL A 179 11.90 13.95 -19.74
N LEU A 180 11.37 13.74 -18.54
CA LEU A 180 11.39 14.75 -17.50
C LEU A 180 12.71 14.58 -16.76
N GLN A 181 13.58 15.59 -16.85
CA GLN A 181 14.84 15.60 -16.12
C GLN A 181 14.61 16.17 -14.72
N SER A 182 15.33 15.63 -13.73
CA SER A 182 15.23 16.10 -12.36
C SER A 182 15.23 17.62 -12.29
N SER A 183 15.99 18.26 -13.19
CA SER A 183 16.03 19.70 -13.31
C SER A 183 14.65 20.34 -13.29
N GLY A 184 13.68 19.67 -13.89
CA GLY A 184 12.37 20.24 -14.15
C GLY A 184 12.07 20.48 -15.61
N LEU A 185 13.03 20.22 -16.51
CA LEU A 185 12.92 20.56 -17.93
C LEU A 185 12.91 19.29 -18.78
N TYR A 186 12.37 19.42 -19.99
CA TYR A 186 12.17 18.29 -20.89
C TYR A 186 13.24 18.24 -21.98
N SER A 187 13.42 17.04 -22.56
CA SER A 187 14.31 16.86 -23.70
C SER A 187 13.81 15.69 -24.53
N LEU A 188 13.62 15.91 -25.83
CA LEU A 188 13.17 14.86 -26.73
C LEU A 188 14.11 14.74 -27.93
N SER A 189 13.92 13.66 -28.68
CA SER A 189 14.76 13.36 -29.84
C SER A 189 13.86 12.97 -31.01
N SER A 190 14.24 13.41 -32.21
CA SER A 190 13.55 13.00 -33.42
C SER A 190 14.57 12.36 -34.35
N VAL A 191 14.20 11.23 -34.93
CA VAL A 191 15.09 10.42 -35.75
C VAL A 191 14.40 10.05 -37.04
N VAL A 192 15.13 10.16 -38.14
CA VAL A 192 14.66 9.72 -39.44
C VAL A 192 15.70 8.78 -40.03
N THR A 193 15.22 7.73 -40.69
CA THR A 193 16.05 6.70 -41.30
C THR A 193 16.00 6.89 -42.80
N VAL A 194 17.18 6.97 -43.43
CA VAL A 194 17.29 7.40 -44.83
C VAL A 194 18.24 6.49 -45.58
N PRO A 195 18.16 6.48 -46.90
CA PRO A 195 19.19 5.82 -47.70
C PRO A 195 20.55 6.44 -47.43
N SER A 196 21.56 5.58 -47.25
CA SER A 196 22.92 6.11 -47.07
C SER A 196 23.41 6.79 -48.33
N SER A 197 22.91 6.36 -49.50
CA SER A 197 23.34 6.90 -50.78
C SER A 197 22.89 8.31 -51.04
N SER A 198 22.11 8.91 -50.14
CA SER A 198 21.55 10.24 -50.33
C SER A 198 22.18 11.28 -49.43
N LEU A 199 23.17 10.93 -48.61
CA LEU A 199 23.71 11.89 -47.65
C LEU A 199 24.37 13.07 -48.38
N GLY A 200 24.96 12.81 -49.55
CA GLY A 200 25.55 13.91 -50.30
C GLY A 200 24.53 14.73 -51.04
N THR A 201 23.44 14.11 -51.48
CA THR A 201 22.52 14.77 -52.41
C THR A 201 21.35 15.44 -51.71
N GLN A 202 20.63 14.73 -50.86
CA GLN A 202 19.50 15.31 -50.17
C GLN A 202 19.95 16.09 -48.93
N THR A 203 19.20 17.13 -48.61
CA THR A 203 19.44 17.99 -47.45
C THR A 203 18.37 17.67 -46.40
N TYR A 204 18.82 17.29 -45.21
CA TYR A 204 17.91 16.93 -44.12
C TYR A 204 17.96 18.01 -43.04
N ILE A 205 16.78 18.52 -42.64
CA ILE A 205 16.71 19.71 -41.79
C ILE A 205 15.60 19.54 -40.76
N CYS A 206 15.93 19.67 -39.48
CA CYS A 206 14.96 19.72 -38.41
C CYS A 206 14.24 21.05 -38.35
N ASN A 207 12.94 21.01 -38.05
CA ASN A 207 12.12 22.19 -37.86
C ASN A 207 11.44 22.03 -36.50
N VAL A 208 11.98 22.69 -35.50
CA VAL A 208 11.49 22.61 -34.13
C VAL A 208 10.65 23.85 -33.84
N ASN A 209 9.59 23.65 -33.05
CA ASN A 209 8.68 24.75 -32.73
C ASN A 209 8.19 24.54 -31.30
N HIS A 210 8.59 25.43 -30.38
CA HIS A 210 8.11 25.46 -28.98
C HIS A 210 7.22 26.70 -28.87
N LYS A 211 5.91 26.57 -29.04
CA LYS A 211 4.96 27.66 -29.11
C LYS A 211 4.89 28.43 -27.79
N PRO A 212 4.93 27.75 -26.63
CA PRO A 212 4.85 28.49 -25.36
C PRO A 212 6.01 29.45 -25.10
N SER A 213 7.09 29.39 -25.88
CA SER A 213 8.18 30.36 -25.75
C SER A 213 8.43 31.11 -27.04
N ASN A 214 7.52 31.01 -28.01
CA ASN A 214 7.66 31.68 -29.32
C ASN A 214 9.03 31.40 -29.93
N THR A 215 9.38 30.11 -30.02
CA THR A 215 10.69 29.71 -30.51
C THR A 215 10.54 28.76 -31.69
N LYS A 216 10.98 29.21 -32.88
CA LYS A 216 10.96 28.38 -34.11
C LYS A 216 12.40 28.26 -34.57
N VAL A 217 12.97 27.04 -34.58
CA VAL A 217 14.37 26.80 -34.91
C VAL A 217 14.47 25.81 -36.07
N ASP A 218 15.46 26.02 -36.93
CA ASP A 218 15.77 25.10 -38.02
C ASP A 218 17.23 24.69 -37.90
N LYS A 219 17.50 23.38 -37.93
CA LYS A 219 18.85 22.87 -37.71
C LYS A 219 19.18 21.84 -38.77
N LYS A 220 20.25 22.08 -39.52
CA LYS A 220 20.65 21.23 -40.64
C LYS A 220 21.53 20.09 -40.14
N VAL A 221 21.18 18.86 -40.52
CA VAL A 221 21.86 17.66 -40.07
C VAL A 221 22.61 17.09 -41.27
N GLU A 222 23.93 17.11 -41.20
CA GLU A 222 24.78 16.58 -42.26
C GLU A 222 25.81 15.63 -41.67
N PRO A 223 26.44 14.80 -42.51
CA PRO A 223 27.41 13.82 -41.99
C PRO A 223 28.71 14.47 -41.57
N LYS A 224 29.48 13.72 -40.79
CA LYS A 224 30.79 14.16 -40.30
C LYS A 224 30.63 15.26 -39.25
N SER B 2 14.02 1.42 3.29
CA SER B 2 13.79 0.12 2.66
C SER B 2 12.67 0.17 1.63
N VAL B 3 12.80 -0.66 0.59
CA VAL B 3 11.71 -0.95 -0.33
C VAL B 3 11.67 -2.46 -0.55
N LEU B 4 10.47 -3.03 -0.46
CA LEU B 4 10.30 -4.43 -0.79
C LEU B 4 10.59 -4.64 -2.27
N THR B 5 11.21 -5.77 -2.58
CA THR B 5 11.76 -5.99 -3.91
C THR B 5 10.82 -6.85 -4.74
N GLN B 6 10.11 -6.20 -5.68
CA GLN B 6 9.31 -6.90 -6.68
C GLN B 6 10.04 -6.90 -8.00
N PRO B 7 9.75 -7.88 -8.87
CA PRO B 7 10.28 -7.84 -10.23
C PRO B 7 9.73 -6.63 -10.98
N ARG B 8 10.58 -6.00 -11.79
CA ARG B 8 10.15 -4.85 -12.56
C ARG B 8 9.03 -5.21 -13.53
N SER B 9 9.12 -6.40 -14.15
CA SER B 9 8.18 -6.82 -15.18
C SER B 9 7.77 -8.26 -14.96
N VAL B 10 6.57 -8.58 -15.43
CA VAL B 10 6.11 -9.97 -15.52
C VAL B 10 5.21 -10.09 -16.74
N SER B 11 5.40 -11.17 -17.48
CA SER B 11 4.61 -11.45 -18.68
C SER B 11 3.86 -12.75 -18.50
N GLY B 12 2.59 -12.75 -18.88
CA GLY B 12 1.78 -13.95 -18.80
C GLY B 12 0.84 -14.12 -19.98
N SER B 13 0.80 -15.32 -20.56
CA SER B 13 -0.11 -15.56 -21.66
C SER B 13 -1.54 -15.62 -21.15
N PRO B 14 -2.50 -15.22 -21.97
CA PRO B 14 -3.89 -15.15 -21.49
C PRO B 14 -4.44 -16.53 -21.14
N GLY B 15 -5.27 -16.55 -20.10
CA GLY B 15 -5.81 -17.78 -19.57
C GLY B 15 -4.90 -18.53 -18.64
N GLN B 16 -3.60 -18.25 -18.66
CA GLN B 16 -2.63 -18.96 -17.87
C GLN B 16 -2.42 -18.23 -16.53
N SER B 17 -1.35 -18.55 -15.83
CA SER B 17 -1.10 -18.00 -14.50
C SER B 17 0.24 -17.26 -14.47
N VAL B 18 0.37 -16.37 -13.48
CA VAL B 18 1.60 -15.66 -13.21
C VAL B 18 1.74 -15.48 -11.71
N THR B 19 2.97 -15.24 -11.27
CA THR B 19 3.27 -15.05 -9.86
C THR B 19 4.28 -13.93 -9.70
N ILE B 20 3.89 -12.91 -8.94
CA ILE B 20 4.72 -11.76 -8.63
C ILE B 20 5.28 -11.95 -7.23
N SER B 21 6.60 -12.01 -7.13
CA SER B 21 7.27 -12.12 -5.85
C SER B 21 7.41 -10.74 -5.21
N CYS B 22 7.70 -10.74 -3.90
CA CYS B 22 7.81 -9.49 -3.13
C CYS B 22 8.66 -9.83 -1.91
N THR B 23 9.94 -9.50 -1.97
CA THR B 23 10.91 -9.96 -0.98
C THR B 23 11.32 -8.81 -0.07
N GLY B 24 11.28 -9.07 1.25
CA GLY B 24 11.59 -8.06 2.23
C GLY B 24 12.55 -8.55 3.30
N THR B 25 12.55 -7.92 4.46
CA THR B 25 13.43 -8.32 5.55
C THR B 25 12.62 -9.06 6.61
N SER B 26 13.33 -9.61 7.59
CA SER B 26 12.65 -10.25 8.71
C SER B 26 11.96 -9.25 9.62
N SER B 27 12.32 -7.96 9.51
CA SER B 27 11.67 -6.88 10.25
C SER B 27 10.53 -6.24 9.46
N ASP B 28 10.20 -6.79 8.28
CA ASP B 28 9.11 -6.28 7.45
C ASP B 28 8.10 -7.40 7.19
N VAL B 29 8.31 -8.12 6.08
CA VAL B 29 7.36 -9.14 5.68
C VAL B 29 7.37 -10.31 6.63
N GLY B 30 8.50 -10.56 7.29
CA GLY B 30 8.56 -11.65 8.25
C GLY B 30 8.01 -11.28 9.62
N ALA B 31 8.08 -9.99 9.97
CA ALA B 31 7.66 -9.56 11.30
C ALA B 31 6.19 -9.91 11.56
N TYR B 32 5.29 -9.44 10.70
CA TYR B 32 3.88 -9.75 10.85
C TYR B 32 3.34 -10.19 9.51
N ASN B 33 2.10 -10.69 9.54
CA ASN B 33 1.39 -11.12 8.35
C ASN B 33 0.50 -10.01 7.78
N TYR B 34 0.87 -8.74 7.99
CA TYR B 34 0.07 -7.62 7.51
C TYR B 34 0.48 -7.25 6.08
N VAL B 35 0.40 -8.25 5.21
CA VAL B 35 0.80 -8.09 3.82
C VAL B 35 -0.44 -7.84 2.97
N SER B 36 -0.31 -6.91 2.03
CA SER B 36 -1.40 -6.53 1.15
C SER B 36 -0.87 -6.39 -0.26
N TRP B 37 -1.79 -6.46 -1.22
CA TRP B 37 -1.47 -6.36 -2.63
C TRP B 37 -2.49 -5.45 -3.29
N TYR B 38 -1.99 -4.47 -4.05
CA TYR B 38 -2.78 -3.45 -4.71
C TYR B 38 -2.57 -3.48 -6.21
N GLN B 39 -3.67 -3.29 -6.94
CA GLN B 39 -3.65 -3.16 -8.39
C GLN B 39 -3.90 -1.71 -8.75
N GLN B 40 -3.19 -1.23 -9.77
CA GLN B 40 -3.34 0.15 -10.23
C GLN B 40 -3.31 0.18 -11.74
N HIS B 41 -4.42 0.60 -12.34
CA HIS B 41 -4.51 0.84 -13.77
C HIS B 41 -4.08 2.26 -14.09
N PRO B 42 -3.63 2.50 -15.32
CA PRO B 42 -3.11 3.83 -15.67
C PRO B 42 -4.08 4.93 -15.29
N GLY B 43 -3.57 5.91 -14.55
CA GLY B 43 -4.31 7.13 -14.27
C GLY B 43 -5.39 7.02 -13.24
N LYS B 44 -5.50 5.88 -12.55
CA LYS B 44 -6.50 5.69 -11.50
C LYS B 44 -5.81 5.31 -10.21
N ALA B 45 -6.59 5.28 -9.14
CA ALA B 45 -6.02 4.99 -7.83
C ALA B 45 -5.79 3.50 -7.67
N PRO B 46 -4.98 3.11 -6.69
CA PRO B 46 -4.79 1.69 -6.41
C PRO B 46 -6.08 1.06 -5.91
N LYS B 47 -6.17 -0.25 -6.09
CA LYS B 47 -7.26 -1.04 -5.55
C LYS B 47 -6.68 -2.18 -4.73
N LEU B 48 -7.22 -2.37 -3.54
CA LEU B 48 -6.83 -3.47 -2.67
C LEU B 48 -7.29 -4.79 -3.26
N MET B 49 -6.35 -5.70 -3.48
CA MET B 49 -6.64 -7.02 -4.01
C MET B 49 -6.41 -8.14 -3.00
N ILE B 50 -5.44 -7.97 -2.11
CA ILE B 50 -5.16 -8.97 -1.09
C ILE B 50 -4.84 -8.25 0.21
N TYR B 51 -5.29 -8.82 1.34
CA TYR B 51 -4.86 -8.37 2.65
C TYR B 51 -4.72 -9.58 3.56
N ASP B 52 -4.16 -9.36 4.74
CA ASP B 52 -3.84 -10.45 5.64
C ASP B 52 -3.16 -11.59 4.87
N VAL B 53 -2.32 -11.22 3.90
CA VAL B 53 -1.52 -12.15 3.12
C VAL B 53 -2.32 -12.88 2.06
N SER B 54 -3.40 -13.55 2.47
CA SER B 54 -4.17 -14.42 1.59
C SER B 54 -5.61 -13.97 1.41
N ALA B 55 -6.07 -12.94 2.12
CA ALA B 55 -7.47 -12.56 2.11
C ALA B 55 -7.79 -11.74 0.87
N ARG B 56 -9.00 -11.93 0.34
CA ARG B 56 -9.50 -11.18 -0.79
C ARG B 56 -10.63 -10.26 -0.34
N PRO B 57 -10.55 -8.95 -0.59
CA PRO B 57 -11.67 -8.08 -0.23
C PRO B 57 -12.91 -8.45 -1.02
N SER B 58 -14.05 -8.02 -0.53
CA SER B 58 -15.29 -8.27 -1.24
C SER B 58 -15.19 -7.76 -2.67
N GLY B 59 -15.67 -8.56 -3.62
CA GLY B 59 -15.67 -8.16 -5.01
C GLY B 59 -14.34 -8.29 -5.70
N VAL B 60 -13.43 -9.10 -5.17
CA VAL B 60 -12.17 -9.43 -5.84
C VAL B 60 -12.26 -10.91 -6.23
N PRO B 61 -12.09 -11.25 -7.50
CA PRO B 61 -12.23 -12.66 -7.90
C PRO B 61 -11.20 -13.55 -7.22
N ASP B 62 -11.58 -14.83 -7.07
CA ASP B 62 -10.69 -15.85 -6.51
C ASP B 62 -9.54 -16.21 -7.45
N ARG B 63 -9.46 -15.57 -8.62
CA ARG B 63 -8.28 -15.73 -9.47
C ARG B 63 -7.06 -15.09 -8.82
N PHE B 64 -7.27 -14.08 -7.98
CA PHE B 64 -6.20 -13.45 -7.22
C PHE B 64 -5.99 -14.22 -5.92
N SER B 65 -4.78 -14.67 -5.67
CA SER B 65 -4.48 -15.42 -4.46
C SER B 65 -3.15 -14.94 -3.91
N GLY B 66 -3.06 -14.87 -2.58
CA GLY B 66 -1.87 -14.37 -1.92
C GLY B 66 -1.28 -15.40 -0.97
N SER B 67 0.04 -15.53 -0.99
CA SER B 67 0.73 -16.42 -0.06
C SER B 67 1.97 -15.72 0.47
N LYS B 68 2.60 -16.34 1.46
CA LYS B 68 3.83 -15.85 2.04
C LYS B 68 4.68 -17.06 2.40
N SER B 69 5.98 -16.81 2.54
CA SER B 69 6.92 -17.83 3.03
C SER B 69 8.19 -17.11 3.44
N GLY B 70 8.63 -17.33 4.66
CA GLY B 70 9.79 -16.62 5.15
C GLY B 70 9.61 -15.13 4.99
N ASN B 71 10.52 -14.51 4.25
CA ASN B 71 10.52 -13.06 4.05
C ASN B 71 9.95 -12.65 2.70
N THR B 72 9.18 -13.53 2.05
CA THR B 72 8.77 -13.31 0.67
C THR B 72 7.28 -13.57 0.53
N ALA B 73 6.54 -12.55 0.13
CA ALA B 73 5.15 -12.74 -0.25
C ALA B 73 5.04 -12.94 -1.75
N SER B 74 3.93 -13.55 -2.18
CA SER B 74 3.73 -13.91 -3.58
C SER B 74 2.26 -13.75 -3.94
N LEU B 75 2.00 -12.87 -4.92
CA LEU B 75 0.68 -12.75 -5.51
C LEU B 75 0.60 -13.63 -6.75
N THR B 76 -0.49 -14.37 -6.88
CA THR B 76 -0.66 -15.28 -8.01
C THR B 76 -1.98 -14.99 -8.68
N ILE B 77 -1.93 -14.80 -9.99
CA ILE B 77 -3.10 -14.54 -10.80
C ILE B 77 -3.28 -15.70 -11.76
N SER B 78 -4.40 -16.40 -11.66
CA SER B 78 -4.78 -17.44 -12.58
C SER B 78 -5.77 -16.90 -13.60
N GLY B 79 -6.01 -17.68 -14.65
CA GLY B 79 -7.00 -17.33 -15.65
C GLY B 79 -6.85 -15.91 -16.15
N LEU B 80 -5.65 -15.59 -16.62
CA LEU B 80 -5.29 -14.22 -16.96
C LEU B 80 -6.24 -13.63 -18.00
N GLN B 81 -6.71 -12.42 -17.73
CA GLN B 81 -7.59 -11.70 -18.63
C GLN B 81 -7.00 -10.33 -18.93
N ALA B 82 -7.36 -9.78 -20.08
CA ALA B 82 -6.75 -8.54 -20.53
C ALA B 82 -6.91 -7.43 -19.51
N GLU B 83 -8.05 -7.39 -18.81
CA GLU B 83 -8.25 -6.34 -17.81
C GLU B 83 -7.22 -6.38 -16.69
N ASP B 84 -6.57 -7.53 -16.47
CA ASP B 84 -5.59 -7.64 -15.40
C ASP B 84 -4.26 -6.97 -15.72
N GLU B 85 -4.05 -6.54 -16.96
CA GLU B 85 -2.83 -5.82 -17.32
C GLU B 85 -2.75 -4.53 -16.51
N ALA B 86 -1.73 -4.40 -15.68
CA ALA B 86 -1.71 -3.29 -14.72
C ALA B 86 -0.45 -3.32 -13.87
N ASP B 87 -0.25 -2.27 -13.07
CA ASP B 87 0.83 -2.22 -12.09
C ASP B 87 0.36 -2.86 -10.80
N TYR B 88 1.20 -3.68 -10.19
CA TYR B 88 0.88 -4.33 -8.92
C TYR B 88 1.93 -4.01 -7.88
N TYR B 89 1.47 -3.70 -6.66
CA TYR B 89 2.33 -3.27 -5.56
C TYR B 89 2.01 -4.09 -4.32
N CYS B 90 3.04 -4.66 -3.68
CA CYS B 90 2.85 -5.27 -2.38
C CYS B 90 3.12 -4.26 -1.27
N CYS B 91 2.68 -4.60 -0.07
CA CYS B 91 2.86 -3.70 1.06
C CYS B 91 2.92 -4.50 2.36
N SER B 92 3.90 -4.17 3.19
CA SER B 92 4.08 -4.78 4.50
C SER B 92 3.95 -3.71 5.57
N TYR B 93 3.09 -3.95 6.55
CA TYR B 93 2.87 -3.03 7.65
C TYR B 93 3.45 -3.67 8.91
N ALA B 94 4.75 -3.49 9.12
CA ALA B 94 5.39 -3.94 10.35
C ALA B 94 5.62 -2.73 11.24
N GLY B 95 6.73 -2.02 11.05
CA GLY B 95 6.98 -0.83 11.83
C GLY B 95 6.33 0.39 11.20
N SER B 96 6.34 0.40 9.87
CA SER B 96 5.72 1.43 9.05
C SER B 96 5.15 0.70 7.84
N TRP B 97 4.35 1.42 7.04
CA TRP B 97 3.85 0.84 5.80
C TRP B 97 4.95 0.98 4.76
N VAL B 98 5.44 -0.16 4.27
CA VAL B 98 6.50 -0.23 3.28
C VAL B 98 5.94 -0.85 2.01
N PHE B 99 6.14 -0.19 0.87
CA PHE B 99 5.68 -0.68 -0.41
C PHE B 99 6.81 -1.34 -1.19
N GLY B 100 6.44 -2.02 -2.27
CA GLY B 100 7.39 -2.53 -3.21
C GLY B 100 7.58 -1.60 -4.42
N GLY B 101 8.62 -1.90 -5.21
CA GLY B 101 8.89 -1.12 -6.40
C GLY B 101 7.80 -1.18 -7.46
N GLY B 102 6.85 -2.08 -7.31
CA GLY B 102 5.85 -2.27 -8.36
C GLY B 102 6.29 -3.28 -9.41
N THR B 103 5.32 -3.89 -10.05
CA THR B 103 5.54 -4.87 -11.11
C THR B 103 4.52 -4.62 -12.21
N LYS B 104 5.00 -4.35 -13.42
CA LYS B 104 4.12 -4.17 -14.58
C LYS B 104 3.74 -5.55 -15.12
N LEU B 105 2.48 -5.94 -14.96
CA LEU B 105 1.97 -7.17 -15.53
C LEU B 105 1.38 -6.87 -16.90
N THR B 106 2.03 -7.41 -17.93
CA THR B 106 1.56 -7.38 -19.31
C THR B 106 0.88 -8.70 -19.63
N VAL B 107 -0.33 -8.64 -20.17
CA VAL B 107 -1.04 -9.83 -20.64
C VAL B 107 -0.80 -9.92 -22.15
N LEU B 108 -0.06 -10.95 -22.55
CA LEU B 108 0.50 -10.99 -23.89
C LEU B 108 -0.60 -11.14 -24.93
N GLY B 109 -0.65 -10.21 -25.88
CA GLY B 109 -1.67 -10.23 -26.92
C GLY B 109 -1.12 -10.16 -28.32
N GLN B 110 0.20 -10.14 -28.46
CA GLN B 110 0.86 -10.15 -29.75
C GLN B 110 2.12 -10.98 -29.65
N PRO B 111 2.62 -11.47 -30.78
CA PRO B 111 3.95 -12.11 -30.77
C PRO B 111 5.01 -11.17 -30.23
N LYS B 112 6.03 -11.76 -29.62
CA LYS B 112 7.13 -10.97 -29.06
C LYS B 112 7.89 -10.25 -30.15
N ALA B 113 8.14 -8.96 -29.94
CA ALA B 113 8.90 -8.13 -30.88
C ALA B 113 10.19 -7.67 -30.19
N ALA B 114 11.32 -7.93 -30.82
CA ALA B 114 12.58 -7.53 -30.22
C ALA B 114 12.84 -6.05 -30.44
N PRO B 115 13.58 -5.40 -29.54
CA PRO B 115 13.82 -3.96 -29.68
C PRO B 115 14.86 -3.62 -30.73
N SER B 116 14.64 -2.47 -31.37
CA SER B 116 15.59 -1.85 -32.28
C SER B 116 16.25 -0.69 -31.54
N VAL B 117 17.57 -0.72 -31.45
CA VAL B 117 18.33 0.30 -30.74
C VAL B 117 19.11 1.13 -31.74
N THR B 118 19.12 2.44 -31.52
CA THR B 118 19.98 3.34 -32.28
C THR B 118 20.65 4.27 -31.28
N LEU B 119 21.98 4.27 -31.29
CA LEU B 119 22.79 4.97 -30.31
C LEU B 119 23.55 6.09 -31.01
N PHE B 120 23.35 7.32 -30.52
CA PHE B 120 23.95 8.51 -31.09
C PHE B 120 24.96 9.09 -30.12
N PRO B 121 26.19 9.35 -30.58
CA PRO B 121 27.19 10.00 -29.75
C PRO B 121 26.85 11.48 -29.58
N PRO B 122 27.66 12.23 -28.83
CA PRO B 122 27.37 13.65 -28.64
C PRO B 122 27.81 14.46 -29.85
N SER B 123 26.98 15.46 -30.17
CA SER B 123 27.26 16.31 -31.32
C SER B 123 28.47 17.20 -31.05
N SER B 124 29.12 17.62 -32.14
CA SER B 124 30.27 18.50 -32.00
C SER B 124 29.86 19.85 -31.40
N GLU B 125 28.69 20.35 -31.78
CA GLU B 125 28.20 21.61 -31.23
C GLU B 125 27.99 21.52 -29.73
N GLU B 126 27.47 20.38 -29.25
CA GLU B 126 27.28 20.20 -27.82
C GLU B 126 28.62 20.15 -27.09
N LEU B 127 29.61 19.46 -27.66
CA LEU B 127 30.94 19.46 -27.06
C LEU B 127 31.50 20.87 -27.01
N GLN B 128 31.27 21.67 -28.06
CA GLN B 128 31.64 23.07 -28.03
C GLN B 128 30.96 23.79 -26.85
N ALA B 129 29.72 23.41 -26.54
CA ALA B 129 29.02 24.01 -25.41
C ALA B 129 29.39 23.38 -24.06
N ASN B 130 30.53 22.70 -23.95
CA ASN B 130 31.04 22.13 -22.70
C ASN B 130 30.07 21.11 -22.10
N LYS B 131 29.12 20.61 -22.88
CA LYS B 131 28.17 19.58 -22.46
C LYS B 131 28.33 18.37 -23.36
N ALA B 132 27.83 17.21 -22.92
CA ALA B 132 27.77 16.08 -23.83
C ALA B 132 26.61 15.18 -23.42
N THR B 133 26.01 14.52 -24.42
CA THR B 133 24.85 13.68 -24.18
C THR B 133 24.81 12.57 -25.22
N LEU B 134 24.71 11.32 -24.74
CA LEU B 134 24.52 10.16 -25.60
C LEU B 134 23.04 9.80 -25.60
N VAL B 135 22.54 9.38 -26.77
CA VAL B 135 21.11 9.15 -26.97
C VAL B 135 20.90 7.72 -27.42
N CYS B 136 20.08 6.97 -26.68
CA CYS B 136 19.82 5.57 -26.97
C CYS B 136 18.33 5.40 -27.19
N LEU B 137 17.93 5.18 -28.44
CA LEU B 137 16.53 5.16 -28.82
C LEU B 137 16.10 3.73 -29.11
N ILE B 138 15.14 3.24 -28.34
CA ILE B 138 14.66 1.86 -28.40
C ILE B 138 13.25 1.89 -28.96
N SER B 139 13.01 1.10 -30.01
CA SER B 139 11.73 1.15 -30.72
C SER B 139 11.27 -0.25 -31.11
N ASP B 140 9.97 -0.34 -31.42
CA ASP B 140 9.36 -1.52 -32.03
C ASP B 140 9.51 -2.77 -31.16
N PHE B 141 9.32 -2.63 -29.85
CA PHE B 141 9.41 -3.79 -28.98
C PHE B 141 8.07 -4.08 -28.31
N TYR B 142 7.90 -5.36 -27.96
CA TYR B 142 6.76 -5.87 -27.22
C TYR B 142 7.17 -7.20 -26.61
N PRO B 143 6.86 -7.47 -25.33
CA PRO B 143 6.11 -6.64 -24.37
C PRO B 143 6.80 -5.32 -24.03
N GLY B 144 6.02 -4.38 -23.52
CA GLY B 144 6.51 -3.03 -23.33
C GLY B 144 7.27 -2.85 -22.04
N ALA B 145 8.38 -3.58 -21.87
CA ALA B 145 9.15 -3.51 -20.64
C ALA B 145 10.60 -3.86 -20.95
N VAL B 146 11.47 -2.85 -20.89
CA VAL B 146 12.88 -3.04 -21.18
C VAL B 146 13.69 -2.43 -20.03
N THR B 147 14.92 -2.90 -19.91
CA THR B 147 15.85 -2.39 -18.91
C THR B 147 17.10 -1.88 -19.62
N VAL B 148 17.40 -0.59 -19.45
CA VAL B 148 18.51 0.05 -20.14
C VAL B 148 19.70 0.11 -19.19
N ALA B 149 20.89 -0.12 -19.74
CA ALA B 149 22.13 -0.19 -18.97
C ALA B 149 23.23 0.46 -19.77
N TRP B 150 23.88 1.47 -19.18
CA TRP B 150 24.99 2.15 -19.81
C TRP B 150 26.31 1.58 -19.30
N LYS B 151 27.27 1.41 -20.21
CA LYS B 151 28.50 0.69 -19.90
C LYS B 151 29.69 1.43 -20.52
N ALA B 152 30.68 1.75 -19.68
CA ALA B 152 31.85 2.50 -20.11
C ALA B 152 33.08 1.58 -20.18
N ASP B 153 33.71 1.52 -21.35
CA ASP B 153 34.94 0.73 -21.54
C ASP B 153 34.74 -0.73 -21.14
N SER B 154 33.51 -1.23 -21.29
CA SER B 154 33.11 -2.58 -20.87
C SER B 154 32.94 -2.70 -19.35
N SER B 155 32.62 -1.58 -18.69
CA SER B 155 32.40 -1.51 -17.25
C SER B 155 31.14 -0.70 -16.97
N PRO B 156 30.51 -0.92 -15.82
CA PRO B 156 29.19 -0.30 -15.59
C PRO B 156 29.27 1.20 -15.32
N VAL B 157 28.13 1.86 -15.53
CA VAL B 157 27.95 3.29 -15.32
C VAL B 157 26.53 3.54 -14.85
N LYS B 158 26.34 4.51 -13.95
CA LYS B 158 25.02 4.72 -13.38
C LYS B 158 24.63 6.18 -13.10
N ALA B 159 25.54 7.14 -13.13
CA ALA B 159 25.21 8.53 -12.81
C ALA B 159 25.08 9.35 -14.08
N GLY B 160 23.97 10.08 -14.20
CA GLY B 160 23.65 10.84 -15.39
C GLY B 160 22.63 10.22 -16.30
N VAL B 161 22.12 9.04 -15.96
CA VAL B 161 21.20 8.29 -16.81
C VAL B 161 19.78 8.76 -16.55
N GLU B 162 19.07 9.13 -17.61
CA GLU B 162 17.65 9.46 -17.52
C GLU B 162 16.91 8.67 -18.58
N THR B 163 16.04 7.76 -18.16
CA THR B 163 15.35 6.85 -19.04
C THR B 163 13.85 7.13 -19.06
N THR B 164 13.22 6.82 -20.19
CA THR B 164 11.79 7.01 -20.39
C THR B 164 11.02 5.79 -19.95
N THR B 165 9.78 6.00 -19.59
CA THR B 165 8.88 4.88 -19.39
C THR B 165 8.30 4.46 -20.74
N PRO B 166 8.34 3.17 -21.08
CA PRO B 166 7.79 2.73 -22.37
C PRO B 166 6.46 3.37 -22.74
N SER B 167 6.32 3.79 -24.00
CA SER B 167 5.12 4.48 -24.48
C SER B 167 4.63 3.75 -25.73
N LYS B 168 3.32 3.51 -25.82
CA LYS B 168 2.80 2.81 -26.98
C LYS B 168 2.95 3.67 -28.22
N GLN B 169 3.27 3.03 -29.34
CA GLN B 169 3.38 3.70 -30.62
C GLN B 169 2.09 3.51 -31.40
N SER B 170 2.10 3.93 -32.67
CA SER B 170 0.93 3.74 -33.52
C SER B 170 0.74 2.28 -33.89
N ASN B 171 1.84 1.54 -34.10
CA ASN B 171 1.76 0.11 -34.45
C ASN B 171 1.54 -0.79 -33.23
N ASN B 172 1.12 -0.22 -32.11
CA ASN B 172 0.79 -0.95 -30.89
C ASN B 172 1.99 -1.68 -30.29
N LYS B 173 3.19 -1.39 -30.76
CA LYS B 173 4.42 -1.75 -30.06
C LYS B 173 4.86 -0.55 -29.23
N TYR B 174 5.96 -0.70 -28.49
CA TYR B 174 6.37 0.30 -27.50
C TYR B 174 7.73 0.88 -27.88
N ALA B 175 7.97 2.09 -27.39
CA ALA B 175 9.23 2.78 -27.62
C ALA B 175 9.63 3.57 -26.38
N ALA B 176 10.94 3.66 -26.15
CA ALA B 176 11.48 4.48 -25.09
C ALA B 176 12.81 5.06 -25.54
N SER B 177 13.36 5.93 -24.70
CA SER B 177 14.66 6.53 -24.96
C SER B 177 15.41 6.65 -23.65
N SER B 178 16.74 6.71 -23.76
CA SER B 178 17.62 6.87 -22.61
C SER B 178 18.70 7.88 -22.96
N TYR B 179 18.93 8.84 -22.07
CA TYR B 179 19.91 9.89 -22.28
C TYR B 179 20.99 9.77 -21.21
N LEU B 180 22.23 9.62 -21.64
CA LEU B 180 23.37 9.58 -20.73
C LEU B 180 24.12 10.90 -20.87
N SER B 181 24.00 11.76 -19.88
CA SER B 181 24.63 13.07 -19.89
C SER B 181 26.02 12.97 -19.28
N LEU B 182 27.03 13.46 -20.00
CA LEU B 182 28.41 13.36 -19.60
C LEU B 182 29.12 14.69 -19.84
N THR B 183 30.33 14.78 -19.29
CA THR B 183 31.25 15.90 -19.45
C THR B 183 32.09 15.68 -20.70
N PRO B 184 32.36 16.73 -21.49
CA PRO B 184 33.20 16.56 -22.69
C PRO B 184 34.43 15.72 -22.40
N GLU B 185 34.97 15.95 -21.20
CA GLU B 185 36.19 15.25 -20.78
C GLU B 185 35.94 13.76 -20.60
N GLN B 186 34.85 13.41 -19.90
CA GLN B 186 34.54 11.99 -19.70
C GLN B 186 34.37 11.28 -21.04
N TRP B 187 33.72 11.94 -22.00
CA TRP B 187 33.50 11.32 -23.31
C TRP B 187 34.81 11.11 -24.03
N LYS B 188 35.62 12.16 -24.17
CA LYS B 188 36.87 12.04 -24.92
C LYS B 188 37.93 11.23 -24.19
N SER B 189 37.71 10.92 -22.90
CA SER B 189 38.72 10.17 -22.15
C SER B 189 38.58 8.66 -22.35
N HIS B 190 37.39 8.12 -22.09
CA HIS B 190 37.18 6.68 -22.22
C HIS B 190 37.35 6.25 -23.68
N ARG B 191 37.46 4.94 -23.88
CA ARG B 191 37.64 4.40 -25.22
C ARG B 191 36.31 4.27 -25.95
N SER B 192 35.29 3.72 -25.29
CA SER B 192 33.99 3.54 -25.92
C SER B 192 32.91 3.65 -24.87
N TYR B 193 31.67 3.70 -25.35
CA TYR B 193 30.48 3.69 -24.52
C TYR B 193 29.46 2.77 -25.16
N SER B 194 28.63 2.14 -24.35
CA SER B 194 27.69 1.14 -24.83
C SER B 194 26.34 1.29 -24.15
N CYS B 195 25.29 1.13 -24.94
CA CYS B 195 23.91 1.07 -24.46
C CYS B 195 23.41 -0.35 -24.64
N GLN B 196 22.94 -0.96 -23.56
CA GLN B 196 22.41 -2.32 -23.57
C GLN B 196 20.97 -2.29 -23.11
N VAL B 197 20.07 -2.77 -23.96
CA VAL B 197 18.65 -2.82 -23.63
C VAL B 197 18.26 -4.29 -23.54
N THR B 198 17.72 -4.67 -22.38
CA THR B 198 17.27 -6.04 -22.15
C THR B 198 15.77 -6.09 -22.33
N HIS B 199 15.33 -7.00 -23.19
CA HIS B 199 13.91 -7.25 -23.46
C HIS B 199 13.68 -8.75 -23.38
N GLU B 200 12.65 -9.13 -22.61
CA GLU B 200 12.46 -10.53 -22.24
C GLU B 200 13.81 -11.13 -21.83
N GLY B 201 14.25 -12.18 -22.51
CA GLY B 201 15.50 -12.80 -22.14
C GLY B 201 16.70 -12.18 -22.82
N SER B 202 16.53 -11.69 -24.04
CA SER B 202 17.68 -11.30 -24.83
C SER B 202 18.05 -9.85 -24.54
N THR B 203 19.30 -9.51 -24.87
CA THR B 203 19.81 -8.16 -24.69
C THR B 203 20.46 -7.72 -26.00
N VAL B 204 20.19 -6.48 -26.37
CA VAL B 204 20.77 -5.86 -27.56
C VAL B 204 21.73 -4.78 -27.10
N GLU B 205 22.84 -4.62 -27.81
CA GLU B 205 23.86 -3.66 -27.42
C GLU B 205 24.31 -2.84 -28.63
N LYS B 206 24.61 -1.57 -28.37
CA LYS B 206 25.21 -0.68 -29.37
C LYS B 206 26.36 0.07 -28.73
N THR B 207 27.37 0.39 -29.54
CA THR B 207 28.59 1.02 -29.03
C THR B 207 28.98 2.22 -29.89
N VAL B 208 29.29 3.33 -29.22
CA VAL B 208 29.81 4.53 -29.87
C VAL B 208 31.18 4.85 -29.27
N ALA B 209 32.11 5.27 -30.12
CA ALA B 209 33.44 5.66 -29.70
C ALA B 209 33.78 7.04 -30.22
N PRO B 210 34.60 7.81 -29.51
CA PRO B 210 34.94 9.15 -29.98
C PRO B 210 35.69 9.10 -31.31
N THR B 211 35.59 10.21 -32.05
CA THR B 211 36.07 10.30 -33.42
C THR B 211 37.09 11.43 -33.56
N GLU B 212 37.85 11.37 -34.65
CA GLU B 212 38.81 12.42 -34.99
C GLU B 212 38.92 12.58 -36.50
N THR C 4 -39.02 -25.46 17.01
CA THR C 4 -37.63 -25.63 17.42
C THR C 4 -37.32 -24.81 18.67
N ASN C 5 -37.58 -23.50 18.59
CA ASN C 5 -37.26 -22.55 19.66
C ASN C 5 -35.81 -22.73 20.13
N LEU C 6 -34.88 -22.49 19.20
CA LEU C 6 -33.46 -22.64 19.49
C LEU C 6 -32.93 -21.42 20.25
N CYS C 7 -31.70 -21.57 20.80
CA CYS C 7 -31.20 -20.55 21.70
C CYS C 7 -30.39 -19.50 20.95
N PRO C 8 -30.39 -18.27 21.43
CA PRO C 8 -29.77 -17.14 20.71
C PRO C 8 -28.30 -16.98 21.04
N PHE C 9 -27.47 -17.90 20.52
CA PHE C 9 -26.03 -17.77 20.74
C PHE C 9 -25.43 -16.75 19.78
N GLY C 10 -25.92 -16.70 18.54
CA GLY C 10 -25.45 -15.71 17.59
C GLY C 10 -25.65 -14.29 18.06
N GLU C 11 -26.50 -14.06 19.06
CA GLU C 11 -26.69 -12.73 19.62
C GLU C 11 -25.57 -12.35 20.57
N VAL C 12 -24.81 -13.31 21.09
CA VAL C 12 -23.71 -13.03 22.00
C VAL C 12 -22.35 -13.34 21.39
N PHE C 13 -22.26 -14.32 20.49
CA PHE C 13 -20.98 -14.70 19.89
C PHE C 13 -20.66 -13.91 18.62
N ASN C 14 -21.66 -13.25 18.03
CA ASN C 14 -21.45 -12.45 16.82
C ASN C 14 -21.88 -11.01 17.03
N ALA C 15 -22.06 -10.58 18.27
CA ALA C 15 -22.37 -9.19 18.53
C ALA C 15 -21.31 -8.31 17.89
N THR C 16 -21.74 -7.21 17.27
CA THR C 16 -20.78 -6.33 16.61
C THR C 16 -19.87 -5.67 17.63
N ARG C 17 -20.34 -5.44 18.87
CA ARG C 17 -19.55 -4.80 19.91
C ARG C 17 -19.59 -5.64 21.18
N PHE C 18 -18.43 -5.73 21.85
CA PHE C 18 -18.29 -6.45 23.10
C PHE C 18 -17.93 -5.46 24.22
N ALA C 19 -18.13 -5.90 25.46
CA ALA C 19 -17.95 -5.05 26.62
C ALA C 19 -16.51 -5.08 27.13
N SER C 20 -16.15 -4.03 27.87
CA SER C 20 -14.90 -4.03 28.60
C SER C 20 -14.98 -5.04 29.74
N VAL C 21 -13.83 -5.60 30.11
CA VAL C 21 -13.86 -6.73 31.02
C VAL C 21 -14.46 -6.33 32.37
N TYR C 22 -14.12 -5.13 32.86
CA TYR C 22 -14.58 -4.77 34.19
C TYR C 22 -16.10 -4.61 34.22
N ALA C 23 -16.70 -4.15 33.13
CA ALA C 23 -18.14 -4.05 32.99
C ALA C 23 -18.69 -5.19 32.13
N TRP C 24 -18.22 -6.41 32.37
CA TRP C 24 -18.55 -7.52 31.50
C TRP C 24 -20.05 -7.66 31.34
N ASN C 25 -20.48 -8.02 30.14
CA ASN C 25 -21.90 -8.13 29.83
C ASN C 25 -22.38 -9.54 30.11
N ARG C 26 -23.68 -9.67 30.39
CA ARG C 26 -24.26 -10.97 30.74
C ARG C 26 -25.65 -11.10 30.15
N LYS C 27 -25.81 -12.00 29.19
CA LYS C 27 -27.12 -12.36 28.66
C LYS C 27 -27.61 -13.64 29.33
N ARG C 28 -28.93 -13.73 29.53
CA ARG C 28 -29.55 -14.87 30.20
C ARG C 28 -30.31 -15.68 29.15
N ILE C 29 -29.79 -16.86 28.83
CA ILE C 29 -30.42 -17.76 27.88
C ILE C 29 -31.36 -18.69 28.64
N SER C 30 -32.61 -18.77 28.17
CA SER C 30 -33.64 -19.53 28.85
C SER C 30 -34.74 -19.91 27.86
N ASN C 31 -35.54 -20.90 28.28
CA ASN C 31 -36.68 -21.47 27.54
C ASN C 31 -36.35 -21.71 26.07
N CYS C 32 -35.40 -22.62 25.85
CA CYS C 32 -34.99 -22.96 24.50
C CYS C 32 -34.18 -24.25 24.50
N VAL C 33 -33.88 -24.71 23.29
CA VAL C 33 -33.00 -25.85 23.06
C VAL C 33 -31.72 -25.33 22.42
N ALA C 34 -30.61 -26.00 22.70
CA ALA C 34 -29.31 -25.55 22.26
C ALA C 34 -28.48 -26.71 21.73
N ASP C 35 -27.92 -26.55 20.53
CA ASP C 35 -26.99 -27.51 19.96
C ASP C 35 -25.57 -26.99 20.18
N TYR C 36 -24.86 -27.63 21.12
CA TYR C 36 -23.51 -27.20 21.48
C TYR C 36 -22.45 -27.77 20.57
N SER C 37 -22.72 -28.91 19.92
CA SER C 37 -21.78 -29.41 18.92
C SER C 37 -21.77 -28.53 17.68
N VAL C 38 -22.89 -27.87 17.39
CA VAL C 38 -22.90 -26.85 16.34
C VAL C 38 -22.01 -25.68 16.75
N LEU C 39 -22.11 -25.28 18.02
CA LEU C 39 -21.32 -24.16 18.51
C LEU C 39 -19.83 -24.47 18.53
N TYR C 40 -19.46 -25.74 18.76
CA TYR C 40 -18.04 -26.09 18.76
C TYR C 40 -17.44 -25.93 17.36
N ASN C 41 -18.11 -26.45 16.34
CA ASN C 41 -17.66 -26.33 14.96
C ASN C 41 -18.23 -25.10 14.26
N SER C 42 -18.93 -24.24 15.00
CA SER C 42 -19.48 -23.02 14.41
C SER C 42 -18.38 -22.17 13.80
N ALA C 43 -17.31 -21.96 14.54
CA ALA C 43 -16.19 -21.15 14.08
C ALA C 43 -14.89 -21.86 14.42
N SER C 44 -13.79 -21.15 14.26
CA SER C 44 -12.46 -21.64 14.61
C SER C 44 -12.04 -20.83 15.84
N PHE C 45 -12.34 -21.37 17.02
CA PHE C 45 -12.06 -20.69 18.28
C PHE C 45 -10.64 -21.00 18.74
N SER C 46 -9.93 -19.96 19.18
CA SER C 46 -8.60 -20.18 19.75
C SER C 46 -8.69 -21.01 21.01
N THR C 47 -9.73 -20.79 21.82
CA THR C 47 -9.86 -21.47 23.10
C THR C 47 -11.30 -21.91 23.33
N PHE C 48 -11.47 -23.18 23.70
CA PHE C 48 -12.79 -23.77 23.99
C PHE C 48 -12.54 -24.83 25.07
N LYS C 49 -12.60 -24.41 26.33
CA LYS C 49 -12.29 -25.30 27.44
C LYS C 49 -13.53 -25.44 28.33
N CYS C 50 -13.92 -26.67 28.60
CA CYS C 50 -15.10 -26.95 29.40
C CYS C 50 -14.67 -27.67 30.67
N TYR C 51 -15.19 -27.20 31.80
CA TYR C 51 -14.69 -27.66 33.09
C TYR C 51 -15.57 -28.73 33.70
N GLY C 52 -16.80 -28.37 34.06
CA GLY C 52 -17.69 -29.37 34.64
C GLY C 52 -17.91 -30.55 33.71
N VAL C 53 -17.98 -30.29 32.41
CA VAL C 53 -18.53 -31.24 31.46
C VAL C 53 -17.75 -31.21 30.15
N SER C 54 -18.34 -31.74 29.09
CA SER C 54 -17.81 -31.69 27.74
C SER C 54 -18.96 -31.51 26.76
N PRO C 55 -18.69 -30.97 25.57
CA PRO C 55 -19.81 -30.60 24.68
C PRO C 55 -20.57 -31.78 24.09
N THR C 56 -19.91 -32.91 23.80
CA THR C 56 -20.64 -34.09 23.36
C THR C 56 -21.71 -34.47 24.38
N LYS C 57 -21.36 -34.46 25.66
CA LYS C 57 -22.31 -34.80 26.72
C LYS C 57 -23.34 -33.70 26.92
N LEU C 58 -23.02 -32.46 26.54
CA LEU C 58 -23.90 -31.34 26.81
C LEU C 58 -25.18 -31.38 25.99
N ASN C 59 -25.17 -32.06 24.85
CA ASN C 59 -26.36 -32.11 24.01
C ASN C 59 -27.46 -32.97 24.61
N ASP C 60 -27.22 -33.63 25.74
CA ASP C 60 -28.20 -34.49 26.38
C ASP C 60 -28.48 -34.08 27.82
N LEU C 61 -28.30 -32.80 28.15
CA LEU C 61 -28.47 -32.33 29.51
C LEU C 61 -29.45 -31.17 29.56
N CYS C 62 -29.99 -30.94 30.75
CA CYS C 62 -30.99 -29.90 30.98
C CYS C 62 -30.55 -29.05 32.18
N PHE C 63 -30.60 -27.72 32.02
CA PHE C 63 -30.20 -26.80 33.07
C PHE C 63 -31.29 -25.75 33.28
N THR C 64 -31.32 -25.21 34.50
CA THR C 64 -32.35 -24.24 34.86
C THR C 64 -32.26 -22.99 34.00
N ASN C 65 -31.08 -22.37 33.96
CA ASN C 65 -30.79 -21.27 33.06
C ASN C 65 -29.35 -21.42 32.57
N VAL C 66 -29.04 -20.75 31.47
CA VAL C 66 -27.66 -20.64 31.04
C VAL C 66 -27.30 -19.16 30.98
N TYR C 67 -26.05 -18.84 31.32
CA TYR C 67 -25.59 -17.46 31.31
C TYR C 67 -24.41 -17.32 30.37
N ALA C 68 -24.45 -16.31 29.51
CA ALA C 68 -23.36 -16.00 28.60
C ALA C 68 -22.78 -14.66 29.05
N ASP C 69 -21.64 -14.72 29.72
CA ASP C 69 -20.89 -13.54 30.08
C ASP C 69 -19.91 -13.26 28.94
N SER C 70 -19.82 -12.01 28.49
CA SER C 70 -19.00 -11.66 27.36
C SER C 70 -18.16 -10.42 27.65
N PHE C 71 -16.96 -10.39 27.07
CA PHE C 71 -16.05 -9.25 27.27
C PHE C 71 -14.81 -9.40 26.40
N VAL C 72 -13.84 -8.49 26.58
CA VAL C 72 -12.63 -8.42 25.77
C VAL C 72 -11.41 -8.23 26.65
N ILE C 73 -10.33 -8.97 26.35
CA ILE C 73 -9.09 -8.89 27.14
C ILE C 73 -7.86 -9.21 26.30
N ARG C 74 -6.67 -9.07 26.87
CA ARG C 74 -5.46 -9.47 26.16
C ARG C 74 -5.33 -10.98 26.10
N GLY C 75 -4.75 -11.46 25.01
CA GLY C 75 -4.59 -12.91 24.83
C GLY C 75 -4.00 -13.59 26.06
N ASP C 76 -2.87 -13.08 26.54
CA ASP C 76 -2.20 -13.68 27.71
C ASP C 76 -2.93 -13.42 29.01
N GLU C 77 -4.16 -12.90 28.96
CA GLU C 77 -5.03 -12.85 30.13
C GLU C 77 -6.13 -13.89 30.07
N VAL C 78 -6.26 -14.61 28.95
CA VAL C 78 -7.31 -15.62 28.86
C VAL C 78 -7.04 -16.77 29.81
N ARG C 79 -5.77 -17.06 30.11
CA ARG C 79 -5.47 -18.06 31.12
C ARG C 79 -6.14 -17.73 32.45
N GLN C 80 -6.38 -16.45 32.72
CA GLN C 80 -6.99 -16.07 33.99
C GLN C 80 -8.49 -16.32 34.02
N ILE C 81 -9.13 -16.48 32.86
CA ILE C 81 -10.55 -16.78 32.82
C ILE C 81 -10.70 -18.27 33.01
N ALA C 82 -10.38 -18.73 34.22
CA ALA C 82 -10.45 -20.14 34.58
C ALA C 82 -10.66 -20.20 36.08
N PRO C 83 -11.27 -21.28 36.59
CA PRO C 83 -11.44 -21.38 38.04
C PRO C 83 -10.10 -21.38 38.77
N GLY C 84 -10.10 -20.77 39.95
CA GLY C 84 -8.95 -20.79 40.83
C GLY C 84 -7.72 -20.06 40.33
N GLN C 85 -7.87 -19.06 39.47
CA GLN C 85 -6.74 -18.33 38.93
C GLN C 85 -6.55 -17.01 39.67
N THR C 86 -5.38 -16.41 39.47
CA THR C 86 -5.05 -15.12 40.06
C THR C 86 -4.46 -14.20 39.00
N GLY C 87 -4.54 -12.89 39.27
CA GLY C 87 -4.13 -11.89 38.31
C GLY C 87 -5.03 -10.67 38.38
N LYS C 88 -4.62 -9.57 37.72
CA LYS C 88 -5.49 -8.40 37.69
C LYS C 88 -6.90 -8.78 37.25
N ILE C 89 -7.01 -9.60 36.21
CA ILE C 89 -8.32 -9.88 35.62
C ILE C 89 -9.11 -10.83 36.51
N ALA C 90 -8.48 -11.91 36.96
CA ALA C 90 -9.23 -12.92 37.72
C ALA C 90 -9.55 -12.44 39.13
N ASP C 91 -8.84 -11.44 39.65
CA ASP C 91 -9.07 -10.99 41.01
C ASP C 91 -9.85 -9.68 41.08
N TYR C 92 -9.77 -8.82 40.06
CA TYR C 92 -10.37 -7.50 40.12
C TYR C 92 -11.38 -7.21 39.01
N ASN C 93 -11.64 -8.17 38.12
CA ASN C 93 -12.54 -7.91 37.01
C ASN C 93 -13.56 -9.02 36.79
N TYR C 94 -13.09 -10.26 36.65
CA TYR C 94 -13.99 -11.38 36.38
C TYR C 94 -13.45 -12.62 37.09
N LYS C 95 -14.14 -13.03 38.14
CA LYS C 95 -13.73 -14.15 38.99
C LYS C 95 -14.61 -15.35 38.68
N LEU C 96 -14.01 -16.55 38.73
CA LEU C 96 -14.76 -17.76 38.48
C LEU C 96 -14.70 -18.69 39.69
N PRO C 97 -15.83 -19.29 40.07
CA PRO C 97 -15.83 -20.18 41.24
C PRO C 97 -14.93 -21.38 41.04
N ASP C 98 -14.44 -21.93 42.14
CA ASP C 98 -13.70 -23.18 42.05
C ASP C 98 -14.61 -24.30 41.58
N ASP C 99 -15.89 -24.26 41.96
CA ASP C 99 -16.87 -25.26 41.56
C ASP C 99 -17.57 -24.91 40.25
N PHE C 100 -16.82 -24.39 39.29
CA PHE C 100 -17.39 -23.86 38.04
C PHE C 100 -17.77 -25.01 37.13
N THR C 101 -19.05 -25.07 36.73
CA THR C 101 -19.51 -25.98 35.69
C THR C 101 -19.91 -25.12 34.50
N GLY C 102 -19.04 -25.09 33.48
CA GLY C 102 -19.25 -24.21 32.34
C GLY C 102 -18.07 -24.29 31.39
N CYS C 103 -18.17 -23.47 30.33
CA CYS C 103 -17.19 -23.46 29.25
C CYS C 103 -16.69 -22.04 29.04
N VAL C 104 -15.39 -21.91 28.81
CA VAL C 104 -14.73 -20.65 28.48
C VAL C 104 -14.37 -20.73 27.01
N ILE C 105 -14.83 -19.76 26.22
CA ILE C 105 -14.60 -19.73 24.78
C ILE C 105 -14.03 -18.38 24.42
N ALA C 106 -12.98 -18.37 23.61
CA ALA C 106 -12.31 -17.13 23.26
C ALA C 106 -11.72 -17.24 21.87
N TRP C 107 -11.66 -16.09 21.19
CA TRP C 107 -11.09 -16.04 19.85
C TRP C 107 -10.42 -14.70 19.61
N ASN C 108 -9.41 -14.72 18.75
CA ASN C 108 -8.64 -13.52 18.43
C ASN C 108 -9.50 -12.51 17.67
N SER C 109 -9.55 -11.28 18.16
CA SER C 109 -10.38 -10.22 17.61
C SER C 109 -9.54 -9.00 17.25
N ASN C 110 -8.36 -9.25 16.70
CA ASN C 110 -7.42 -8.19 16.38
C ASN C 110 -7.94 -7.30 15.26
N ASN C 111 -8.49 -7.90 14.21
CA ASN C 111 -8.97 -7.11 13.08
C ASN C 111 -10.14 -6.21 13.44
N LEU C 112 -10.85 -6.49 14.54
CA LEU C 112 -12.05 -5.77 14.91
C LEU C 112 -11.86 -4.75 16.03
N ASP C 113 -10.92 -4.99 16.93
CA ASP C 113 -10.87 -4.22 18.16
C ASP C 113 -9.60 -3.43 18.40
N SER C 114 -8.47 -3.83 17.81
CA SER C 114 -7.28 -3.00 17.90
C SER C 114 -7.28 -2.00 16.76
N LYS C 115 -6.71 -0.83 17.02
CA LYS C 115 -6.74 0.31 16.12
C LYS C 115 -5.35 0.92 16.01
N VAL C 116 -5.04 1.49 14.84
CA VAL C 116 -3.77 2.18 14.67
C VAL C 116 -3.63 3.23 15.75
N GLY C 117 -2.52 3.19 16.48
CA GLY C 117 -2.29 4.11 17.57
C GLY C 117 -2.92 3.71 18.88
N GLY C 118 -3.71 2.64 18.92
CA GLY C 118 -4.35 2.23 20.15
C GLY C 118 -5.85 2.42 20.15
N ASN C 119 -6.58 1.40 20.61
CA ASN C 119 -8.00 1.53 20.93
C ASN C 119 -8.12 1.77 22.42
N TYR C 120 -8.53 2.97 22.79
CA TYR C 120 -8.63 3.37 24.19
C TYR C 120 -10.04 3.28 24.74
N ASN C 121 -10.95 2.60 24.04
CA ASN C 121 -12.31 2.43 24.53
C ASN C 121 -12.47 1.16 25.38
N TYR C 122 -11.61 0.17 25.18
CA TYR C 122 -11.64 -1.02 26.02
C TYR C 122 -10.88 -0.74 27.31
N LEU C 123 -11.43 -1.18 28.44
CA LEU C 123 -10.88 -0.87 29.74
C LEU C 123 -10.83 -2.11 30.63
N TYR C 124 -10.06 -1.97 31.71
CA TYR C 124 -10.03 -2.97 32.78
C TYR C 124 -9.78 -2.28 34.10
N ARG C 125 -10.11 -2.96 35.19
CA ARG C 125 -9.84 -2.44 36.51
C ARG C 125 -8.42 -2.79 36.92
N LEU C 126 -7.66 -1.77 37.33
CA LEU C 126 -6.25 -1.94 37.67
C LEU C 126 -6.00 -2.03 39.17
N PHE C 127 -6.84 -1.39 40.00
CA PHE C 127 -6.63 -1.33 41.44
C PHE C 127 -7.91 -1.72 42.18
N ARG C 128 -7.75 -2.49 43.26
CA ARG C 128 -8.88 -2.83 44.10
C ARG C 128 -8.38 -3.21 45.48
N LYS C 129 -9.07 -2.70 46.51
CA LYS C 129 -8.66 -3.03 47.88
C LYS C 129 -8.71 -4.53 48.11
N SER C 130 -9.75 -5.20 47.60
CA SER C 130 -9.99 -6.61 47.85
C SER C 130 -10.28 -7.34 46.55
N ASN C 131 -10.18 -8.67 46.61
CA ASN C 131 -10.51 -9.48 45.45
C ASN C 131 -12.03 -9.52 45.25
N LEU C 132 -12.43 -9.77 44.00
CA LEU C 132 -13.83 -9.98 43.72
C LEU C 132 -14.27 -11.36 44.21
N LYS C 133 -15.55 -11.44 44.57
CA LYS C 133 -16.17 -12.73 44.78
C LYS C 133 -16.54 -13.34 43.43
N PRO C 134 -16.71 -14.66 43.36
CA PRO C 134 -17.03 -15.29 42.07
C PRO C 134 -18.27 -14.68 41.43
N PHE C 135 -18.14 -14.32 40.15
CA PHE C 135 -19.23 -13.76 39.35
C PHE C 135 -19.69 -12.39 39.83
N GLU C 136 -18.89 -11.69 40.62
CA GLU C 136 -19.19 -10.31 40.97
C GLU C 136 -18.78 -9.38 39.83
N ARG C 137 -19.47 -8.24 39.73
CA ARG C 137 -19.14 -7.19 38.78
C ARG C 137 -18.98 -5.89 39.55
N ASP C 138 -17.90 -5.16 39.28
CA ASP C 138 -17.62 -3.90 39.96
C ASP C 138 -17.37 -2.84 38.90
N ILE C 139 -18.19 -1.79 38.91
CA ILE C 139 -18.07 -0.69 37.96
C ILE C 139 -17.86 0.65 38.66
N SER C 140 -17.62 0.64 39.97
CA SER C 140 -17.33 1.86 40.70
C SER C 140 -16.03 2.49 40.19
N THR C 141 -15.94 3.82 40.32
CA THR C 141 -14.78 4.60 39.91
C THR C 141 -14.22 5.41 41.07
N GLU C 142 -14.23 4.85 42.26
CA GLU C 142 -13.75 5.56 43.43
C GLU C 142 -12.23 5.49 43.52
N ILE C 143 -11.62 6.64 43.85
CA ILE C 143 -10.16 6.74 43.86
C ILE C 143 -9.58 5.72 44.83
N TYR C 144 -8.52 5.04 44.38
CA TYR C 144 -7.88 3.99 45.15
C TYR C 144 -6.73 4.56 45.97
N GLN C 145 -6.74 4.31 47.28
CA GLN C 145 -5.69 4.81 48.17
C GLN C 145 -4.52 3.83 48.14
N ALA C 146 -3.39 4.27 47.60
CA ALA C 146 -2.17 3.47 47.54
C ALA C 146 -1.13 3.89 48.57
N GLY C 147 -1.43 4.89 49.40
CA GLY C 147 -0.48 5.35 50.39
C GLY C 147 -1.04 5.31 51.79
N SER C 148 -0.39 6.02 52.72
CA SER C 148 -0.88 6.13 54.08
C SER C 148 -1.83 7.30 54.26
N THR C 149 -1.73 8.34 53.39
CA THR C 149 -2.59 9.52 53.44
C THR C 149 -3.89 9.25 52.70
N PRO C 150 -5.05 9.53 53.29
CA PRO C 150 -6.32 9.33 52.56
C PRO C 150 -6.40 10.25 51.35
N CYS C 151 -7.32 9.91 50.44
CA CYS C 151 -7.42 10.56 49.14
C CYS C 151 -8.54 11.59 49.07
N ASN C 152 -9.67 11.34 49.74
CA ASN C 152 -10.77 12.29 49.80
C ASN C 152 -11.38 12.52 48.41
N GLY C 153 -11.38 11.49 47.58
CA GLY C 153 -11.95 11.59 46.25
C GLY C 153 -11.17 12.43 45.26
N VAL C 154 -9.95 12.83 45.61
CA VAL C 154 -9.11 13.63 44.71
C VAL C 154 -8.03 12.72 44.12
N GLU C 155 -7.90 12.75 42.81
CA GLU C 155 -6.86 12.01 42.12
C GLU C 155 -5.51 12.72 42.25
N GLY C 156 -4.44 11.93 42.30
CA GLY C 156 -3.11 12.51 42.37
C GLY C 156 -2.02 11.51 42.69
N PHE C 157 -1.19 11.85 43.66
CA PHE C 157 -0.09 11.01 44.11
C PHE C 157 -0.63 9.93 45.03
N ASN C 158 -0.22 8.68 44.77
CA ASN C 158 -0.71 7.52 45.52
C ASN C 158 -2.23 7.54 45.67
N CYS C 159 -2.92 8.19 44.74
CA CYS C 159 -4.38 8.33 44.74
C CYS C 159 -4.81 8.17 43.29
N TYR C 160 -5.21 6.96 42.92
CA TYR C 160 -5.27 6.55 41.52
C TYR C 160 -6.69 6.34 41.04
N PHE C 161 -6.95 6.74 39.81
CA PHE C 161 -8.18 6.32 39.15
C PHE C 161 -8.07 4.82 38.88
N PRO C 162 -9.05 4.02 39.25
CA PRO C 162 -8.87 2.56 39.27
C PRO C 162 -9.00 1.85 37.94
N LEU C 163 -9.33 2.53 36.85
CA LEU C 163 -9.48 1.89 35.55
C LEU C 163 -8.36 2.31 34.60
N GLN C 164 -7.97 1.40 33.72
CA GLN C 164 -6.93 1.64 32.73
C GLN C 164 -7.42 1.18 31.37
N SER C 165 -6.89 1.84 30.34
CA SER C 165 -7.23 1.50 28.96
C SER C 165 -6.27 0.44 28.45
N TYR C 166 -6.81 -0.49 27.66
CA TYR C 166 -5.97 -1.51 27.06
C TYR C 166 -5.06 -0.93 25.99
N GLY C 167 -5.59 -0.03 25.17
CA GLY C 167 -4.82 0.56 24.08
C GLY C 167 -4.38 -0.46 23.05
N PHE C 168 -5.31 -1.30 22.59
CA PHE C 168 -4.96 -2.38 21.69
C PHE C 168 -4.37 -1.84 20.38
N GLN C 169 -3.24 -2.41 19.98
CA GLN C 169 -2.59 -2.06 18.75
C GLN C 169 -2.38 -3.31 17.92
N PRO C 170 -2.29 -3.15 16.59
CA PRO C 170 -2.04 -4.33 15.76
C PRO C 170 -0.58 -4.69 15.71
N THR C 171 0.32 -3.75 15.99
CA THR C 171 1.75 -3.98 15.94
C THR C 171 2.27 -4.69 17.18
N ASN C 172 1.39 -5.14 18.07
CA ASN C 172 1.79 -5.97 19.18
C ASN C 172 2.01 -7.41 18.73
N GLY C 173 2.59 -8.21 19.63
CA GLY C 173 2.53 -9.64 19.47
C GLY C 173 1.19 -10.20 19.96
N VAL C 174 0.88 -11.41 19.54
CA VAL C 174 -0.45 -11.97 19.81
C VAL C 174 -0.83 -11.82 21.27
N GLY C 175 0.10 -12.08 22.18
CA GLY C 175 -0.21 -12.00 23.59
C GLY C 175 -0.84 -10.68 24.00
N TYR C 176 -0.45 -9.59 23.35
CA TYR C 176 -0.94 -8.25 23.69
C TYR C 176 -2.13 -7.83 22.84
N GLN C 177 -2.69 -8.78 21.98
CA GLN C 177 -3.78 -8.45 21.07
C GLN C 177 -5.14 -8.70 21.72
N PRO C 178 -6.18 -7.99 21.29
CA PRO C 178 -7.50 -8.16 21.91
C PRO C 178 -8.15 -9.47 21.49
N TYR C 179 -8.72 -10.15 22.48
CA TYR C 179 -9.41 -11.40 22.33
C TYR C 179 -10.80 -11.23 22.91
N ARG C 180 -11.79 -11.73 22.18
CA ARG C 180 -13.17 -11.72 22.64
C ARG C 180 -13.48 -13.03 23.33
N VAL C 181 -14.13 -12.93 24.49
CA VAL C 181 -14.35 -14.05 25.39
C VAL C 181 -15.84 -14.14 25.72
N VAL C 182 -16.32 -15.38 25.79
CA VAL C 182 -17.69 -15.71 26.16
C VAL C 182 -17.61 -16.88 27.13
N VAL C 183 -18.16 -16.70 28.32
CA VAL C 183 -18.17 -17.69 29.38
C VAL C 183 -19.60 -18.18 29.49
N LEU C 184 -19.82 -19.44 29.15
CA LEU C 184 -21.11 -20.08 29.34
C LEU C 184 -21.09 -20.76 30.70
N SER C 185 -22.04 -20.42 31.56
CA SER C 185 -22.16 -21.03 32.87
C SER C 185 -23.55 -21.63 32.99
N PHE C 186 -23.60 -22.90 33.40
CA PHE C 186 -24.82 -23.71 33.40
C PHE C 186 -25.28 -23.87 34.83
N GLU C 187 -26.33 -23.14 35.20
CA GLU C 187 -26.86 -23.22 36.56
C GLU C 187 -27.91 -24.32 36.63
N LEU C 188 -27.87 -25.09 37.69
CA LEU C 188 -28.77 -26.22 37.90
C LEU C 188 -29.43 -26.06 39.27
N LEU C 189 -30.35 -25.09 39.36
CA LEU C 189 -31.07 -24.83 40.59
C LEU C 189 -32.15 -25.90 40.80
N HIS C 190 -32.98 -25.72 41.83
CA HIS C 190 -34.09 -26.62 42.09
C HIS C 190 -35.29 -26.35 41.19
N ALA C 191 -35.27 -25.28 40.41
CA ALA C 191 -36.38 -24.91 39.53
C ALA C 191 -36.30 -25.67 38.22
N PRO C 192 -37.35 -25.58 37.40
CA PRO C 192 -37.39 -26.36 36.16
C PRO C 192 -36.30 -25.97 35.18
N ALA C 193 -35.86 -26.97 34.42
CA ALA C 193 -34.90 -26.71 33.35
C ALA C 193 -35.59 -25.96 32.23
N THR C 194 -35.13 -24.74 31.98
CA THR C 194 -35.61 -23.93 30.87
C THR C 194 -34.81 -24.19 29.60
N VAL C 195 -33.51 -24.42 29.73
CA VAL C 195 -32.64 -24.68 28.60
C VAL C 195 -32.34 -26.18 28.56
N CYS C 196 -32.44 -26.78 27.38
CA CYS C 196 -32.09 -28.20 27.25
C CYS C 196 -31.35 -28.46 25.95
N GLY C 197 -30.67 -29.60 25.91
CA GLY C 197 -30.01 -30.06 24.72
C GLY C 197 -30.98 -30.78 23.79
N PRO C 198 -30.50 -31.10 22.60
CA PRO C 198 -31.39 -31.72 21.60
C PRO C 198 -31.60 -33.21 21.80
N GLY C 199 -30.67 -33.92 22.45
CA GLY C 199 -30.80 -35.35 22.59
C GLY C 199 -31.89 -35.82 23.53
N LEU C 200 -32.58 -34.89 24.17
CA LEU C 200 -33.67 -35.19 25.10
C LEU C 200 -35.04 -35.03 24.45
N GLU C 201 -35.09 -35.08 23.12
CA GLU C 201 -36.36 -35.16 22.41
C GLU C 201 -36.76 -36.59 22.11
N VAL C 202 -35.82 -37.52 22.21
CA VAL C 202 -36.11 -38.93 21.96
C VAL C 202 -37.05 -39.48 23.03
N LEU C 203 -36.99 -38.92 24.24
CA LEU C 203 -37.86 -39.37 25.33
C LEU C 203 -39.30 -38.93 25.14
N PHE C 204 -39.61 -38.18 24.09
CA PHE C 204 -40.94 -37.65 23.86
C PHE C 204 -41.44 -37.97 22.46
N GLN C 205 -41.07 -39.13 21.93
CA GLN C 205 -41.50 -39.54 20.59
C GLN C 205 -41.76 -41.05 20.53
#